data_5JYP
#
_entry.id   5JYP
#
_cell.length_a   139.556
_cell.length_b   139.556
_cell.length_c   156.613
_cell.angle_alpha   90.00
_cell.angle_beta   90.00
_cell.angle_gamma   90.00
#
_symmetry.space_group_name_H-M   'I 41 2 2'
#
loop_
_entity.id
_entity.type
_entity.pdbx_description
1 polymer 'Glutaminase kidney isoform, mitochondrial'
2 non-polymer 2-phenyl-~{N}-[5-[(1~{S},3~{S})-3-[5-(2-phenylethanoylamino)-1,3,4-thiadiazol-2-yl]cyclohexyl]-1,3,4-thiadiazol-2-yl]ethanamide
3 water water
#
_entity_poly.entity_id   1
_entity_poly.type   'polypeptide(L)'
_entity_poly.pdbx_seq_one_letter_code
;MGSSHHHHHHSSGLVPRGSMIPDFMSFTSHIDELYESAKKQSGGKVADYIPQLAKFSPDLWGVSVCTVDGQRHSTGDTKV
PFCLQSCVKPLKYAIAVNDLGTEYVHRYVGKEPSGLRFNKLFLNEDDKPHNPMVNAGAIVVTSLIKQGVNNAEKFDYVMQ
FLNKMAGNEYVGFSNATFQSERESGDRNFAIGYYLKEKKCFPEGTDMVGILDFYFQLCSIEVTCESASVMAATLANGGFC
PITGERVLSPEAVRNTLSLMHSCGMYDFSGQFAFHVGLPAKSGVAGGILLVVPNVMGMMCWSPPLDKMGNSVKGIHFCHD
LVSLCNFHNYDNL
;
_entity_poly.pdbx_strand_id   A
#
loop_
_chem_comp.id
_chem_comp.type
_chem_comp.name
_chem_comp.formula
ZBS non-polymer 2-phenyl-~{N}-[5-[(1~{S},3~{S})-3-[5-(2-phenylethanoylamino)-1,3,4-thiadiazol-2-yl]cyclohexyl]-1,3,4-thiadiazol-2-yl]ethanamide 'C26 H26 N6 O2 S2'
#
# COMPACT_ATOMS: atom_id res chain seq x y z
N SER A 19 -14.25 20.83 3.47
CA SER A 19 -12.80 21.04 3.30
C SER A 19 -12.15 21.95 4.38
N MET A 20 -11.01 21.48 4.91
CA MET A 20 -10.29 22.08 6.03
C MET A 20 -8.83 22.36 5.67
N ILE A 21 -8.61 22.88 4.48
CA ILE A 21 -7.25 23.17 4.00
C ILE A 21 -7.02 24.67 3.84
N PRO A 22 -8.00 25.55 4.19
CA PRO A 22 -8.16 26.84 3.51
C PRO A 22 -7.23 27.15 2.33
N ASP A 23 -6.08 27.75 2.66
CA ASP A 23 -5.07 28.16 1.67
C ASP A 23 -4.08 27.02 1.46
N PHE A 24 -4.14 26.42 0.27
CA PHE A 24 -3.24 25.31 -0.03
C PHE A 24 -1.78 25.73 0.00
N MET A 25 -1.51 27.01 -0.28
CA MET A 25 -0.12 27.46 -0.39
C MET A 25 0.61 27.41 0.95
N SER A 26 -0.02 27.89 2.03
CA SER A 26 0.62 27.86 3.35
C SER A 26 0.55 26.48 4.01
N PHE A 27 -0.34 25.60 3.53
CA PHE A 27 -0.28 24.20 3.95
C PHE A 27 1.00 23.53 3.46
N THR A 28 1.34 23.70 2.17
CA THR A 28 2.59 23.14 1.66
C THR A 28 3.79 23.71 2.43
N SER A 29 3.72 24.97 2.85
CA SER A 29 4.77 25.52 3.68
C SER A 29 4.94 24.69 4.96
N HIS A 30 3.83 24.22 5.54
CA HIS A 30 3.89 23.37 6.72
C HIS A 30 4.30 21.95 6.39
N ILE A 31 3.88 21.43 5.23
CA ILE A 31 4.42 20.15 4.75
C ILE A 31 5.93 20.22 4.70
N ASP A 32 6.47 21.31 4.15
CA ASP A 32 7.92 21.47 4.05
C ASP A 32 8.59 21.40 5.42
N GLU A 33 8.09 22.18 6.39
CA GLU A 33 8.71 22.17 7.71
C GLU A 33 8.64 20.78 8.35
N LEU A 34 7.54 20.05 8.12
CA LEU A 34 7.43 18.69 8.65
C LEU A 34 8.42 17.75 7.98
N TYR A 35 8.43 17.75 6.64
CA TYR A 35 9.48 17.06 5.89
C TYR A 35 10.86 17.33 6.47
N GLU A 36 11.13 18.58 6.86
CA GLU A 36 12.46 18.92 7.35
C GLU A 36 12.70 18.35 8.73
N SER A 37 11.67 18.35 9.58
CA SER A 37 11.80 17.77 10.91
C SER A 37 12.07 16.27 10.81
N ALA A 38 11.29 15.58 9.96
CA ALA A 38 11.51 14.14 9.76
C ALA A 38 12.93 13.85 9.27
N LYS A 39 13.46 14.71 8.40
CA LYS A 39 14.78 14.49 7.77
C LYS A 39 15.88 14.24 8.81
N LYS A 40 15.80 14.87 9.98
CA LYS A 40 16.82 14.73 11.02
C LYS A 40 16.77 13.37 11.72
N GLN A 41 15.76 12.56 11.47
CA GLN A 41 15.61 11.27 12.14
C GLN A 41 16.34 10.19 11.35
N SER A 42 17.59 9.93 11.74
CA SER A 42 18.50 9.06 10.98
C SER A 42 18.41 7.58 11.36
N GLY A 43 17.58 7.22 12.32
CA GLY A 43 17.49 5.85 12.75
C GLY A 43 16.95 4.91 11.68
N GLY A 44 17.11 3.64 11.95
CA GLY A 44 16.54 2.65 11.08
C GLY A 44 17.61 1.83 10.40
N LYS A 45 17.14 0.99 9.49
CA LYS A 45 17.99 -0.03 8.91
C LYS A 45 17.34 -0.42 7.60
N VAL A 46 17.99 -0.08 6.49
CA VAL A 46 17.45 -0.40 5.17
C VAL A 46 17.32 -1.90 5.04
N ALA A 47 16.19 -2.34 4.49
CA ALA A 47 15.97 -3.77 4.31
C ALA A 47 17.09 -4.34 3.45
N ASP A 48 17.54 -5.55 3.76
CA ASP A 48 18.66 -6.11 3.03
C ASP A 48 18.51 -7.60 2.83
N TYR A 49 17.29 -8.07 2.65
CA TYR A 49 17.18 -9.52 2.54
C TYR A 49 17.30 -9.96 1.09
N ILE A 50 16.97 -9.08 0.16
CA ILE A 50 17.38 -9.20 -1.24
C ILE A 50 18.30 -8.01 -1.56
N PRO A 51 19.22 -8.14 -2.52
CA PRO A 51 20.12 -7.00 -2.80
C PRO A 51 19.42 -5.82 -3.44
N GLN A 52 18.31 -6.04 -4.14
CA GLN A 52 17.54 -4.96 -4.73
C GLN A 52 16.95 -4.01 -3.71
N LEU A 53 16.94 -4.38 -2.43
CA LEU A 53 16.56 -3.45 -1.38
C LEU A 53 17.77 -2.91 -0.63
N ALA A 54 18.83 -3.71 -0.48
CA ALA A 54 20.02 -3.21 0.19
C ALA A 54 20.71 -2.10 -0.61
N LYS A 55 20.54 -2.06 -1.95
CA LYS A 55 21.14 -1.00 -2.78
C LYS A 55 20.80 0.39 -2.27
N PHE A 56 19.66 0.57 -1.61
CA PHE A 56 19.07 1.90 -1.50
C PHE A 56 19.72 2.72 -0.39
N SER A 57 19.67 4.04 -0.57
CA SER A 57 20.43 4.95 0.28
C SER A 57 19.60 5.34 1.49
N PRO A 58 20.11 5.14 2.71
CA PRO A 58 19.40 5.62 3.90
C PRO A 58 18.88 7.04 3.81
N ASP A 59 19.56 7.93 3.11
CA ASP A 59 19.22 9.34 3.19
C ASP A 59 18.13 9.74 2.21
N LEU A 60 17.64 8.81 1.41
CA LEU A 60 16.54 9.09 0.50
C LEU A 60 15.26 9.38 1.29
N TRP A 61 14.58 10.48 0.97
CA TRP A 61 13.44 10.89 1.77
C TRP A 61 12.60 11.82 0.91
N GLY A 62 11.38 11.39 0.58
CA GLY A 62 10.45 12.18 -0.22
C GLY A 62 9.01 12.12 0.26
N VAL A 63 8.30 13.24 0.18
CA VAL A 63 6.90 13.32 0.58
C VAL A 63 6.12 13.99 -0.55
N SER A 64 5.07 13.33 -1.03
CA SER A 64 4.26 13.85 -2.13
C SER A 64 2.80 13.90 -1.72
N VAL A 65 2.18 15.05 -1.94
CA VAL A 65 0.78 15.30 -1.61
C VAL A 65 0.02 15.44 -2.92
N CYS A 66 -1.22 14.97 -2.94
CA CYS A 66 -2.16 15.23 -4.03
C CYS A 66 -3.52 15.36 -3.40
N THR A 67 -4.01 16.60 -3.25
CA THR A 67 -5.32 16.79 -2.65
C THR A 67 -6.42 16.26 -3.57
N VAL A 68 -7.63 16.25 -3.03
CA VAL A 68 -8.81 15.81 -3.78
C VAL A 68 -9.14 16.79 -4.89
N ASP A 69 -8.58 18.00 -4.82
CA ASP A 69 -8.68 19.01 -5.88
C ASP A 69 -7.88 18.63 -7.12
N GLY A 70 -6.77 17.94 -6.93
CA GLY A 70 -5.75 17.81 -7.95
C GLY A 70 -4.54 18.66 -7.69
N GLN A 71 -4.58 19.52 -6.67
CA GLN A 71 -3.39 20.31 -6.34
C GLN A 71 -2.29 19.38 -5.83
N ARG A 72 -1.03 19.72 -6.15
CA ARG A 72 0.10 18.84 -5.89
C ARG A 72 1.21 19.60 -5.18
N HIS A 73 2.09 18.84 -4.53
CA HIS A 73 3.27 19.39 -3.88
C HIS A 73 4.24 18.28 -3.49
N SER A 74 5.51 18.39 -3.88
CA SER A 74 6.50 17.42 -3.47
C SER A 74 7.66 18.13 -2.80
N THR A 75 8.42 17.37 -2.00
CA THR A 75 9.64 17.85 -1.39
C THR A 75 10.56 16.65 -1.28
N GLY A 76 11.81 16.83 -1.72
CA GLY A 76 12.77 15.75 -1.65
C GLY A 76 12.61 14.75 -2.78
N ASP A 77 13.12 13.55 -2.52
CA ASP A 77 13.32 12.51 -3.51
C ASP A 77 12.01 11.87 -4.00
N THR A 78 11.12 12.68 -4.55
CA THR A 78 9.81 12.19 -4.93
C THR A 78 9.76 11.60 -6.34
N LYS A 79 10.81 11.71 -7.13
CA LYS A 79 10.82 11.15 -8.49
C LYS A 79 11.73 9.93 -8.62
N VAL A 80 12.28 9.40 -7.54
CA VAL A 80 13.08 8.20 -7.57
C VAL A 80 12.16 6.98 -7.42
N PRO A 81 12.14 6.06 -8.37
CA PRO A 81 11.23 4.91 -8.29
C PRO A 81 11.66 3.87 -7.27
N PHE A 82 10.68 3.33 -6.56
CA PHE A 82 10.86 2.22 -5.64
C PHE A 82 9.66 1.28 -5.78
N CYS A 83 9.82 0.07 -5.24
CA CYS A 83 8.76 -0.92 -5.31
C CYS A 83 7.69 -0.67 -4.27
N LEU A 84 6.43 -0.84 -4.68
CA LEU A 84 5.31 -0.76 -3.74
C LEU A 84 5.45 -1.76 -2.61
N GLN A 85 5.94 -2.95 -2.91
CA GLN A 85 5.90 -4.09 -1.99
C GLN A 85 4.52 -4.18 -1.34
N SER A 86 4.47 -4.19 -0.01
CA SER A 86 3.17 -4.39 0.62
C SER A 86 2.21 -3.23 0.42
N CYS A 87 2.67 -2.08 -0.06
CA CYS A 87 1.75 -1.01 -0.38
C CYS A 87 0.78 -1.37 -1.49
N VAL A 88 1.02 -2.46 -2.22
CA VAL A 88 0.10 -2.92 -3.26
C VAL A 88 -1.03 -3.75 -2.68
N LYS A 89 -0.92 -4.17 -1.41
CA LYS A 89 -1.96 -5.01 -0.82
C LYS A 89 -3.31 -4.31 -0.77
N PRO A 90 -3.44 -3.10 -0.22
CA PRO A 90 -4.74 -2.43 -0.29
C PRO A 90 -5.24 -2.28 -1.71
N LEU A 91 -4.34 -1.97 -2.64
CA LEU A 91 -4.75 -1.67 -4.01
C LEU A 91 -5.36 -2.88 -4.70
N LYS A 92 -4.70 -4.05 -4.66
CA LYS A 92 -5.31 -5.22 -5.27
C LYS A 92 -6.53 -5.69 -4.47
N TYR A 93 -6.57 -5.45 -3.16
CA TYR A 93 -7.80 -5.71 -2.42
C TYR A 93 -8.93 -4.85 -2.93
N ALA A 94 -8.64 -3.57 -3.17
CA ALA A 94 -9.65 -2.69 -3.73
C ALA A 94 -10.12 -3.20 -5.08
N ILE A 95 -9.19 -3.69 -5.92
CA ILE A 95 -9.57 -4.20 -7.23
C ILE A 95 -10.50 -5.40 -7.09
N ALA A 96 -10.17 -6.31 -6.19
CA ALA A 96 -10.98 -7.52 -6.05
C ALA A 96 -12.39 -7.19 -5.58
N VAL A 97 -12.53 -6.30 -4.60
CA VAL A 97 -13.87 -5.90 -4.16
C VAL A 97 -14.61 -5.17 -5.27
N ASN A 98 -13.90 -4.31 -6.01
CA ASN A 98 -14.51 -3.61 -7.15
C ASN A 98 -15.14 -4.59 -8.13
N ASP A 99 -14.39 -5.62 -8.52
CA ASP A 99 -14.88 -6.58 -9.50
C ASP A 99 -15.81 -7.64 -8.91
N LEU A 100 -15.82 -7.84 -7.58
CA LEU A 100 -16.50 -9.00 -7.01
C LEU A 100 -17.34 -8.72 -5.77
N GLY A 101 -17.17 -7.59 -5.11
CA GLY A 101 -18.02 -7.21 -3.99
C GLY A 101 -17.53 -7.79 -2.68
N THR A 102 -17.83 -7.06 -1.59
CA THR A 102 -17.49 -7.51 -0.25
C THR A 102 -17.74 -9.00 -0.02
N GLU A 103 -18.96 -9.45 -0.32
CA GLU A 103 -19.39 -10.76 0.16
C GLU A 103 -18.54 -11.88 -0.44
N TYR A 104 -18.32 -11.83 -1.75
CA TYR A 104 -17.48 -12.84 -2.38
C TYR A 104 -16.06 -12.82 -1.81
N VAL A 105 -15.42 -11.64 -1.78
CA VAL A 105 -14.01 -11.59 -1.40
C VAL A 105 -13.79 -12.19 -0.04
N HIS A 106 -14.67 -11.89 0.92
CA HIS A 106 -14.47 -12.29 2.31
C HIS A 106 -15.05 -13.67 2.63
N ARG A 107 -15.59 -14.38 1.63
CA ARG A 107 -15.60 -15.83 1.75
C ARG A 107 -14.17 -16.36 1.93
N TYR A 108 -13.18 -15.67 1.36
CA TYR A 108 -11.83 -16.18 1.26
C TYR A 108 -10.83 -15.53 2.22
N VAL A 109 -11.12 -14.34 2.76
CA VAL A 109 -10.18 -13.63 3.64
C VAL A 109 -10.94 -12.86 4.72
N GLY A 110 -10.42 -12.94 5.96
CA GLY A 110 -10.87 -12.20 7.12
C GLY A 110 -11.05 -10.69 6.97
N LYS A 111 -11.40 -10.00 8.08
CA LYS A 111 -11.57 -8.55 8.07
C LYS A 111 -11.08 -7.93 9.38
N GLU A 112 -10.17 -8.59 10.07
CA GLU A 112 -9.78 -8.20 11.42
C GLU A 112 -8.26 -8.27 11.56
N PRO A 113 -7.71 -7.55 12.52
CA PRO A 113 -6.25 -7.55 12.74
C PRO A 113 -5.68 -8.61 13.67
N SER A 114 -6.22 -9.81 13.72
CA SER A 114 -5.75 -10.78 14.74
C SER A 114 -4.26 -11.12 14.50
N LYS A 120 2.69 -14.12 13.04
CA LYS A 120 3.20 -15.46 13.35
C LYS A 120 2.40 -16.54 12.60
N LEU A 121 1.09 -16.58 12.87
CA LEU A 121 0.20 -17.62 12.36
C LEU A 121 -0.40 -17.23 11.01
N PHE A 122 -0.70 -18.23 10.20
CA PHE A 122 -1.16 -17.94 8.84
C PHE A 122 -2.67 -17.77 8.76
N LEU A 123 -3.43 -18.57 9.52
CA LEU A 123 -4.88 -18.68 9.36
C LEU A 123 -5.57 -18.44 10.69
N ASN A 124 -6.67 -17.69 10.65
CA ASN A 124 -7.44 -17.44 11.86
C ASN A 124 -8.20 -18.73 12.23
N GLU A 125 -9.09 -18.60 13.22
CA GLU A 125 -9.83 -19.76 13.73
C GLU A 125 -10.74 -20.37 12.68
N ASP A 126 -11.12 -19.62 11.64
CA ASP A 126 -12.01 -20.13 10.59
C ASP A 126 -11.23 -20.59 9.35
N ASP A 127 -9.93 -20.81 9.48
CA ASP A 127 -9.09 -21.27 8.35
C ASP A 127 -9.13 -20.30 7.18
N LYS A 128 -9.21 -19.00 7.49
CA LYS A 128 -9.05 -17.92 6.53
C LYS A 128 -7.88 -17.02 6.94
N PRO A 129 -7.15 -16.48 5.99
CA PRO A 129 -6.16 -15.45 6.31
C PRO A 129 -6.81 -14.31 7.09
N HIS A 130 -6.09 -13.78 8.09
CA HIS A 130 -6.71 -12.85 9.01
C HIS A 130 -7.30 -11.64 8.29
N ASN A 131 -6.60 -11.10 7.30
CA ASN A 131 -7.04 -9.88 6.62
C ASN A 131 -6.22 -9.72 5.34
N PRO A 132 -6.66 -8.87 4.41
CA PRO A 132 -5.93 -8.74 3.13
C PRO A 132 -4.57 -8.06 3.26
N MET A 133 -4.17 -7.55 4.42
CA MET A 133 -2.91 -6.81 4.55
C MET A 133 -1.74 -7.67 5.05
N VAL A 134 -1.98 -8.92 5.41
CA VAL A 134 -0.92 -9.86 5.74
C VAL A 134 -0.71 -10.72 4.52
N ASN A 135 0.51 -11.24 4.37
CA ASN A 135 0.88 -11.95 3.15
C ASN A 135 -0.15 -13.01 2.79
N ALA A 136 -0.48 -13.89 3.74
CA ALA A 136 -1.45 -14.94 3.43
C ALA A 136 -2.75 -14.36 2.90
N GLY A 137 -3.16 -13.20 3.42
CA GLY A 137 -4.34 -12.56 2.91
C GLY A 137 -4.16 -12.10 1.48
N ALA A 138 -3.10 -11.32 1.24
CA ALA A 138 -2.89 -10.75 -0.09
C ALA A 138 -2.67 -11.83 -1.13
N ILE A 139 -2.04 -12.95 -0.74
CA ILE A 139 -1.92 -14.07 -1.66
C ILE A 139 -3.29 -14.57 -2.09
N VAL A 140 -4.20 -14.79 -1.11
CA VAL A 140 -5.53 -15.26 -1.47
C VAL A 140 -6.28 -14.21 -2.29
N VAL A 141 -6.11 -12.93 -1.93
CA VAL A 141 -6.77 -11.87 -2.70
C VAL A 141 -6.29 -11.91 -4.15
N THR A 142 -4.99 -12.16 -4.34
CA THR A 142 -4.42 -12.28 -5.67
C THR A 142 -5.09 -13.39 -6.47
N SER A 143 -5.44 -14.50 -5.81
CA SER A 143 -6.05 -15.61 -6.52
C SER A 143 -7.49 -15.36 -6.90
N LEU A 144 -8.11 -14.26 -6.45
CA LEU A 144 -9.48 -13.94 -6.86
C LEU A 144 -9.54 -13.00 -8.05
N ILE A 145 -8.51 -12.20 -8.30
CA ILE A 145 -8.54 -11.23 -9.40
C ILE A 145 -8.49 -11.95 -10.72
N LYS A 146 -9.50 -11.69 -11.57
CA LYS A 146 -9.48 -12.00 -13.00
C LYS A 146 -9.07 -13.45 -13.29
N GLN A 147 -9.84 -14.38 -12.72
CA GLN A 147 -9.49 -15.80 -12.79
C GLN A 147 -9.78 -16.39 -14.17
N GLY A 148 -9.13 -17.50 -14.46
CA GLY A 148 -9.21 -18.19 -15.75
C GLY A 148 -8.18 -17.70 -16.75
N VAL A 149 -8.12 -16.38 -16.92
CA VAL A 149 -7.07 -15.74 -17.69
C VAL A 149 -5.68 -16.13 -17.17
N ASN A 150 -4.68 -16.12 -18.04
CA ASN A 150 -3.31 -16.42 -17.68
C ASN A 150 -2.64 -15.21 -17.05
N ASN A 151 -1.42 -15.42 -16.55
CA ASN A 151 -0.77 -14.41 -15.73
C ASN A 151 -0.40 -13.16 -16.52
N ALA A 152 -0.16 -13.28 -17.81
CA ALA A 152 0.22 -12.08 -18.53
C ALA A 152 -0.94 -11.09 -18.60
N GLU A 153 -2.17 -11.58 -18.87
CA GLU A 153 -3.29 -10.65 -18.92
C GLU A 153 -3.77 -10.24 -17.53
N LYS A 154 -3.60 -11.13 -16.53
CA LYS A 154 -3.87 -10.74 -15.14
C LYS A 154 -3.05 -9.51 -14.78
N PHE A 155 -1.73 -9.58 -15.00
CA PHE A 155 -0.85 -8.48 -14.67
C PHE A 155 -1.19 -7.22 -15.44
N ASP A 156 -1.52 -7.34 -16.74
CA ASP A 156 -1.92 -6.16 -17.50
C ASP A 156 -3.20 -5.56 -16.94
N TYR A 157 -4.16 -6.40 -16.57
CA TYR A 157 -5.42 -5.91 -16.02
C TYR A 157 -5.18 -5.09 -14.76
N VAL A 158 -4.39 -5.63 -13.82
CA VAL A 158 -4.09 -4.89 -12.59
C VAL A 158 -3.27 -3.64 -12.91
N MET A 159 -2.35 -3.75 -13.88
CA MET A 159 -1.55 -2.60 -14.29
C MET A 159 -2.43 -1.51 -14.91
N GLN A 160 -3.35 -1.90 -15.82
CA GLN A 160 -4.35 -0.94 -16.29
C GLN A 160 -5.01 -0.23 -15.11
N PHE A 161 -5.38 -1.01 -14.09
CA PHE A 161 -6.06 -0.44 -12.94
C PHE A 161 -5.13 0.49 -12.17
N LEU A 162 -3.89 0.07 -11.94
CA LEU A 162 -2.97 0.93 -11.17
C LEU A 162 -2.72 2.25 -11.87
N ASN A 163 -2.66 2.25 -13.20
CA ASN A 163 -2.45 3.49 -13.96
C ASN A 163 -3.60 4.46 -13.74
N LYS A 164 -4.84 3.98 -13.87
CA LYS A 164 -6.01 4.82 -13.62
C LYS A 164 -5.98 5.42 -12.22
N MET A 165 -5.58 4.63 -11.22
CA MET A 165 -5.50 5.20 -9.87
C MET A 165 -4.44 6.27 -9.78
N ALA A 166 -3.43 6.21 -10.65
CA ALA A 166 -2.37 7.22 -10.63
C ALA A 166 -2.53 8.25 -11.75
N GLY A 167 -3.63 8.21 -12.50
CA GLY A 167 -3.79 9.15 -13.60
C GLY A 167 -2.65 9.07 -14.59
N ASN A 168 -2.22 7.85 -14.92
CA ASN A 168 -1.17 7.54 -15.89
C ASN A 168 0.21 8.02 -15.49
N GLU A 169 0.42 8.42 -14.25
CA GLU A 169 1.76 8.78 -13.83
C GLU A 169 2.56 7.50 -13.56
N TYR A 170 3.80 7.66 -13.09
CA TYR A 170 4.78 6.57 -13.16
C TYR A 170 4.26 5.31 -12.47
N VAL A 171 4.10 4.25 -13.25
CA VAL A 171 3.93 2.89 -12.76
C VAL A 171 4.86 2.03 -13.58
N GLY A 172 5.96 1.58 -12.97
CA GLY A 172 6.93 0.76 -13.63
C GLY A 172 6.99 -0.64 -13.07
N PHE A 173 8.11 -1.32 -13.33
CA PHE A 173 8.28 -2.69 -12.90
C PHE A 173 9.75 -2.97 -12.69
N SER A 174 10.06 -3.64 -11.60
CA SER A 174 11.42 -4.04 -11.26
C SER A 174 11.53 -5.55 -11.45
N ASN A 175 11.97 -5.96 -12.63
CA ASN A 175 12.19 -7.38 -12.84
C ASN A 175 13.24 -7.91 -11.87
N ALA A 176 14.21 -7.07 -11.50
CA ALA A 176 15.23 -7.48 -10.55
C ALA A 176 14.61 -7.98 -9.25
N THR A 177 13.76 -7.17 -8.59
CA THR A 177 13.23 -7.63 -7.30
C THR A 177 12.28 -8.82 -7.48
N PHE A 178 11.49 -8.85 -8.57
CA PHE A 178 10.64 -10.02 -8.85
C PHE A 178 11.41 -11.33 -8.79
N GLN A 179 12.55 -11.41 -9.48
CA GLN A 179 13.34 -12.63 -9.47
C GLN A 179 13.95 -12.91 -8.10
N SER A 180 14.42 -11.87 -7.40
CA SER A 180 15.03 -12.09 -6.10
C SER A 180 13.99 -12.43 -5.05
N GLU A 181 12.78 -11.88 -5.21
CA GLU A 181 11.72 -12.19 -4.27
C GLU A 181 11.19 -13.61 -4.50
N ARG A 182 11.03 -14.01 -5.77
CA ARG A 182 10.63 -15.39 -6.06
C ARG A 182 11.69 -16.40 -5.61
N GLU A 183 12.96 -16.12 -5.88
CA GLU A 183 14.02 -17.10 -5.65
C GLU A 183 14.34 -17.26 -4.15
N SER A 184 14.00 -16.29 -3.32
CA SER A 184 14.30 -16.34 -1.90
C SER A 184 13.08 -16.37 -0.99
N GLY A 185 11.88 -16.19 -1.51
CA GLY A 185 10.69 -16.14 -0.70
C GLY A 185 10.19 -17.52 -0.29
N ASP A 186 10.99 -18.26 0.49
CA ASP A 186 10.52 -19.56 0.95
C ASP A 186 9.35 -19.43 1.91
N ARG A 187 9.27 -18.34 2.69
CA ARG A 187 8.13 -18.19 3.58
C ARG A 187 6.84 -18.03 2.77
N ASN A 188 6.88 -17.27 1.69
CA ASN A 188 5.70 -17.15 0.86
C ASN A 188 5.31 -18.48 0.24
N PHE A 189 6.29 -19.30 -0.10
CA PHE A 189 5.94 -20.62 -0.62
C PHE A 189 5.32 -21.49 0.46
N ALA A 190 5.89 -21.45 1.67
CA ALA A 190 5.28 -22.19 2.78
C ALA A 190 3.83 -21.74 2.97
N ILE A 191 3.59 -20.43 2.96
CA ILE A 191 2.24 -19.90 2.99
C ILE A 191 1.41 -20.52 1.87
N GLY A 192 1.94 -20.50 0.66
CA GLY A 192 1.18 -20.99 -0.49
C GLY A 192 0.74 -22.44 -0.32
N TYR A 193 1.67 -23.32 0.06
CA TYR A 193 1.30 -24.71 0.26
C TYR A 193 0.31 -24.89 1.41
N TYR A 194 0.52 -24.19 2.54
CA TYR A 194 -0.42 -24.31 3.66
C TYR A 194 -1.84 -23.91 3.25
N LEU A 195 -1.98 -22.77 2.55
CA LEU A 195 -3.29 -22.36 2.05
C LEU A 195 -3.87 -23.37 1.06
N LYS A 196 -3.04 -24.02 0.26
CA LYS A 196 -3.56 -25.07 -0.61
C LYS A 196 -4.05 -26.27 0.21
N GLU A 197 -3.36 -26.57 1.32
CA GLU A 197 -3.74 -27.69 2.17
C GLU A 197 -5.08 -27.46 2.84
N LYS A 198 -5.21 -26.35 3.54
CA LYS A 198 -6.45 -25.97 4.20
C LYS A 198 -7.49 -25.38 3.21
N LYS A 199 -7.28 -25.54 1.92
CA LYS A 199 -8.30 -25.31 0.88
C LYS A 199 -8.82 -23.87 0.88
N CYS A 200 -7.90 -22.91 0.88
CA CYS A 200 -8.29 -21.49 0.92
C CYS A 200 -8.38 -20.84 -0.45
N PHE A 201 -7.98 -21.52 -1.51
CA PHE A 201 -8.06 -20.96 -2.85
C PHE A 201 -9.34 -21.39 -3.54
N PRO A 202 -9.82 -20.62 -4.52
CA PRO A 202 -10.86 -21.15 -5.41
C PRO A 202 -10.36 -22.38 -6.14
N GLU A 203 -11.25 -23.36 -6.33
CA GLU A 203 -10.84 -24.62 -6.93
C GLU A 203 -10.32 -24.41 -8.35
N GLY A 204 -9.35 -25.24 -8.73
CA GLY A 204 -8.66 -25.07 -10.00
C GLY A 204 -7.59 -23.99 -10.01
N THR A 205 -7.16 -23.50 -8.84
CA THR A 205 -6.15 -22.47 -8.78
C THR A 205 -4.77 -23.11 -8.87
N ASP A 206 -3.96 -22.66 -9.83
CA ASP A 206 -2.55 -23.01 -9.85
C ASP A 206 -1.86 -22.15 -8.79
N MET A 207 -1.55 -22.78 -7.66
CA MET A 207 -0.99 -22.06 -6.52
C MET A 207 0.37 -21.43 -6.85
N VAL A 208 1.27 -22.19 -7.49
CA VAL A 208 2.57 -21.63 -7.83
C VAL A 208 2.43 -20.46 -8.79
N GLY A 209 1.53 -20.58 -9.77
CA GLY A 209 1.30 -19.46 -10.67
C GLY A 209 0.79 -18.24 -9.94
N ILE A 210 -0.03 -18.45 -8.90
CA ILE A 210 -0.54 -17.35 -8.10
C ILE A 210 0.60 -16.67 -7.32
N LEU A 211 1.51 -17.45 -6.75
CA LEU A 211 2.68 -16.85 -6.12
C LEU A 211 3.48 -16.01 -7.11
N ASP A 212 3.70 -16.54 -8.31
CA ASP A 212 4.35 -15.75 -9.36
C ASP A 212 3.68 -14.40 -9.53
N PHE A 213 2.35 -14.42 -9.65
CA PHE A 213 1.60 -13.17 -9.77
C PHE A 213 1.82 -12.30 -8.54
N TYR A 214 1.82 -12.92 -7.36
CA TYR A 214 2.00 -12.16 -6.12
C TYR A 214 3.34 -11.44 -6.12
N PHE A 215 4.42 -12.16 -6.47
CA PHE A 215 5.74 -11.55 -6.52
C PHE A 215 5.79 -10.41 -7.52
N GLN A 216 5.15 -10.58 -8.68
CA GLN A 216 5.13 -9.51 -9.67
C GLN A 216 4.44 -8.27 -9.14
N LEU A 217 3.26 -8.44 -8.54
CA LEU A 217 2.55 -7.29 -8.01
C LEU A 217 3.39 -6.57 -6.96
N CYS A 218 4.10 -7.33 -6.12
CA CYS A 218 4.95 -6.73 -5.11
C CYS A 218 6.09 -5.95 -5.74
N SER A 219 6.46 -6.27 -6.98
CA SER A 219 7.59 -5.66 -7.65
C SER A 219 7.20 -4.48 -8.56
N ILE A 220 5.92 -4.08 -8.58
CA ILE A 220 5.54 -2.90 -9.33
C ILE A 220 6.16 -1.67 -8.69
N GLU A 221 6.55 -0.70 -9.53
CA GLU A 221 7.28 0.48 -9.09
C GLU A 221 6.46 1.74 -9.28
N VAL A 222 6.68 2.69 -8.37
CA VAL A 222 6.00 3.97 -8.34
C VAL A 222 7.02 4.99 -7.89
N THR A 223 6.65 6.26 -7.99
CA THR A 223 7.36 7.30 -7.28
C THR A 223 6.40 7.91 -6.27
N CYS A 224 6.95 8.63 -5.29
CA CYS A 224 6.09 9.36 -4.37
C CYS A 224 5.05 10.16 -5.12
N GLU A 225 5.43 10.74 -6.26
CA GLU A 225 4.49 11.60 -6.98
C GLU A 225 3.36 10.81 -7.60
N SER A 226 3.66 9.64 -8.17
CA SER A 226 2.58 8.84 -8.74
C SER A 226 1.77 8.12 -7.67
N ALA A 227 2.41 7.72 -6.57
CA ALA A 227 1.71 7.00 -5.51
C ALA A 227 0.72 7.92 -4.80
N SER A 228 1.17 9.11 -4.43
CA SER A 228 0.29 10.09 -3.81
C SER A 228 -0.98 10.30 -4.62
N VAL A 229 -0.93 10.06 -5.92
CA VAL A 229 -2.13 10.17 -6.73
C VAL A 229 -3.01 8.95 -6.54
N MET A 230 -2.39 7.77 -6.42
CA MET A 230 -3.15 6.56 -6.09
C MET A 230 -3.85 6.72 -4.73
N ALA A 231 -3.12 7.15 -3.71
CA ALA A 231 -3.75 7.37 -2.41
C ALA A 231 -4.85 8.42 -2.50
N ALA A 232 -4.72 9.36 -3.44
CA ALA A 232 -5.72 10.43 -3.51
C ALA A 232 -7.01 9.95 -4.13
N THR A 233 -6.96 8.96 -5.02
CA THR A 233 -8.23 8.42 -5.48
C THR A 233 -8.94 7.66 -4.37
N LEU A 234 -8.17 7.02 -3.48
CA LEU A 234 -8.77 6.42 -2.29
C LEU A 234 -9.33 7.50 -1.37
N ALA A 235 -8.66 8.64 -1.29
CA ALA A 235 -9.14 9.77 -0.50
C ALA A 235 -10.38 10.41 -1.12
N ASN A 236 -10.77 10.00 -2.31
CA ASN A 236 -11.80 10.67 -3.09
C ASN A 236 -12.86 9.68 -3.56
N GLY A 237 -13.33 8.83 -2.65
CA GLY A 237 -14.36 7.86 -2.97
C GLY A 237 -14.21 7.09 -4.27
N GLY A 238 -12.99 6.93 -4.76
CA GLY A 238 -12.72 6.17 -5.97
C GLY A 238 -12.54 6.98 -7.25
N PHE A 239 -12.48 8.30 -7.14
CA PHE A 239 -12.39 9.19 -8.30
C PHE A 239 -11.00 9.78 -8.37
N CYS A 240 -10.33 9.59 -9.50
CA CYS A 240 -8.96 10.06 -9.64
C CYS A 240 -8.94 11.58 -9.71
N PRO A 241 -8.35 12.28 -8.74
CA PRO A 241 -8.53 13.74 -8.67
C PRO A 241 -7.95 14.51 -9.85
N ILE A 242 -7.08 13.91 -10.66
CA ILE A 242 -6.48 14.64 -11.77
C ILE A 242 -6.96 14.15 -13.12
N THR A 243 -7.90 13.19 -13.15
CA THR A 243 -8.61 12.82 -14.37
C THR A 243 -10.12 12.81 -14.20
N GLY A 244 -10.64 12.97 -12.97
CA GLY A 244 -12.07 12.87 -12.71
C GLY A 244 -12.67 11.51 -12.92
N GLU A 245 -11.92 10.54 -13.45
CA GLU A 245 -12.48 9.27 -13.84
C GLU A 245 -12.87 8.43 -12.61
N ARG A 246 -13.99 7.70 -12.72
CA ARG A 246 -14.36 6.75 -11.69
C ARG A 246 -13.50 5.49 -11.85
N VAL A 247 -12.70 5.20 -10.83
CA VAL A 247 -11.77 4.07 -10.85
C VAL A 247 -12.25 2.91 -9.97
N LEU A 248 -12.63 3.20 -8.72
CA LEU A 248 -13.02 2.18 -7.75
C LEU A 248 -14.43 2.44 -7.24
N SER A 249 -15.17 1.35 -7.00
CA SER A 249 -16.52 1.46 -6.44
C SER A 249 -16.48 2.03 -5.02
N PRO A 250 -17.53 2.73 -4.60
CA PRO A 250 -17.52 3.27 -3.23
C PRO A 250 -17.36 2.20 -2.17
N GLU A 251 -18.02 1.06 -2.37
CA GLU A 251 -17.83 -0.12 -1.54
C GLU A 251 -16.34 -0.44 -1.38
N ALA A 252 -15.66 -0.64 -2.51
CA ALA A 252 -14.26 -1.05 -2.49
C ALA A 252 -13.37 -0.06 -1.75
N VAL A 253 -13.60 1.24 -1.94
CA VAL A 253 -12.80 2.23 -1.23
C VAL A 253 -13.08 2.18 0.28
N ARG A 254 -14.37 2.10 0.66
CA ARG A 254 -14.71 2.04 2.08
C ARG A 254 -14.04 0.85 2.77
N ASN A 255 -14.13 -0.32 2.15
CA ASN A 255 -13.47 -1.51 2.70
C ASN A 255 -11.97 -1.28 2.84
N THR A 256 -11.32 -0.91 1.73
CA THR A 256 -9.87 -0.72 1.74
C THR A 256 -9.46 0.26 2.85
N LEU A 257 -10.19 1.36 2.99
CA LEU A 257 -9.79 2.33 4.01
C LEU A 257 -9.94 1.76 5.41
N SER A 258 -11.04 1.04 5.70
CA SER A 258 -11.23 0.45 7.03
C SER A 258 -10.05 -0.44 7.38
N LEU A 259 -9.68 -1.33 6.46
CA LEU A 259 -8.61 -2.28 6.74
C LEU A 259 -7.23 -1.60 6.77
N MET A 260 -7.02 -0.54 5.98
CA MET A 260 -5.81 0.25 6.14
C MET A 260 -5.78 0.89 7.53
N HIS A 261 -6.95 1.36 8.01
CA HIS A 261 -7.00 1.99 9.32
C HIS A 261 -6.56 1.03 10.43
N SER A 262 -6.87 -0.27 10.29
CA SER A 262 -6.69 -1.24 11.35
C SER A 262 -5.60 -2.27 11.11
N CYS A 263 -5.21 -2.52 9.85
CA CYS A 263 -4.24 -3.57 9.58
C CYS A 263 -3.02 -3.10 8.78
N GLY A 264 -2.81 -1.79 8.67
CA GLY A 264 -1.97 -1.30 7.59
C GLY A 264 -0.48 -1.20 7.85
N MET A 265 -0.10 -1.16 9.13
CA MET A 265 1.26 -0.85 9.55
C MET A 265 1.92 -2.02 10.29
N TYR A 266 1.70 -3.24 9.79
CA TYR A 266 2.33 -4.44 10.41
C TYR A 266 1.88 -4.50 11.88
N ASP A 267 2.76 -4.88 12.81
CA ASP A 267 2.42 -4.96 14.22
C ASP A 267 2.30 -3.59 14.88
N PHE A 268 2.42 -2.51 14.13
CA PHE A 268 2.22 -1.16 14.63
C PHE A 268 0.86 -0.61 14.26
N SER A 269 0.04 -1.39 13.51
CA SER A 269 -1.28 -0.90 13.08
C SER A 269 -2.11 -0.44 14.26
N GLY A 270 -2.04 -1.16 15.39
CA GLY A 270 -2.70 -0.77 16.61
C GLY A 270 -2.32 0.61 17.10
N GLN A 271 -1.02 0.84 17.34
CA GLN A 271 -0.63 2.15 17.86
C GLN A 271 -0.76 3.23 16.82
N PHE A 272 -0.72 2.86 15.54
CA PHE A 272 -0.92 3.85 14.49
C PHE A 272 -2.40 4.28 14.44
N ALA A 273 -3.34 3.33 14.59
CA ALA A 273 -4.75 3.69 14.66
C ALA A 273 -5.05 4.58 15.86
N PHE A 274 -4.43 4.29 17.00
CA PHE A 274 -4.66 5.11 18.19
C PHE A 274 -4.10 6.50 18.02
N HIS A 275 -2.81 6.62 17.67
CA HIS A 275 -2.09 7.89 17.74
C HIS A 275 -2.20 8.73 16.48
N VAL A 276 -2.45 8.11 15.33
CA VAL A 276 -2.58 8.81 14.05
C VAL A 276 -3.97 8.66 13.45
N GLY A 277 -4.48 7.43 13.42
CA GLY A 277 -5.88 7.25 13.05
C GLY A 277 -6.23 7.68 11.65
N LEU A 278 -5.38 7.36 10.69
CA LEU A 278 -5.63 7.58 9.27
C LEU A 278 -5.34 6.27 8.58
N PRO A 279 -6.08 5.95 7.51
CA PRO A 279 -5.73 4.79 6.71
C PRO A 279 -4.32 4.94 6.14
N ALA A 280 -3.48 3.94 6.39
CA ALA A 280 -2.13 3.92 5.86
C ALA A 280 -1.73 2.49 5.56
N LYS A 281 -0.75 2.32 4.68
CA LYS A 281 -0.21 1.00 4.39
C LYS A 281 1.27 1.16 4.07
N SER A 282 2.14 0.59 4.90
CA SER A 282 3.56 0.67 4.65
C SER A 282 4.07 -0.55 3.86
N GLY A 283 5.29 -0.40 3.32
CA GLY A 283 5.96 -1.50 2.63
C GLY A 283 7.43 -1.52 2.98
N VAL A 284 8.11 -2.60 2.56
CA VAL A 284 9.49 -2.83 3.01
C VAL A 284 10.51 -1.98 2.26
N ALA A 285 10.11 -1.37 1.15
CA ALA A 285 10.95 -0.38 0.47
C ALA A 285 10.93 0.94 1.20
N GLY A 286 10.16 1.07 2.29
CA GLY A 286 10.11 2.29 3.08
C GLY A 286 9.03 3.26 2.66
N GLY A 287 8.12 2.84 1.78
CA GLY A 287 6.97 3.66 1.49
C GLY A 287 5.93 3.56 2.58
N ILE A 288 5.16 4.64 2.74
CA ILE A 288 3.97 4.68 3.59
C ILE A 288 2.87 5.36 2.77
N LEU A 289 1.92 4.57 2.26
CA LEU A 289 0.81 5.10 1.49
C LEU A 289 -0.26 5.65 2.44
N LEU A 290 -0.40 6.98 2.52
CA LEU A 290 -1.25 7.64 3.51
C LEU A 290 -2.46 8.28 2.86
N VAL A 291 -3.62 8.18 3.53
CA VAL A 291 -4.88 8.69 3.02
C VAL A 291 -5.55 9.52 4.10
N VAL A 292 -5.85 10.79 3.79
CA VAL A 292 -6.70 11.62 4.63
C VAL A 292 -8.04 11.73 3.92
N PRO A 293 -9.09 11.06 4.38
CA PRO A 293 -10.29 10.90 3.56
C PRO A 293 -10.97 12.24 3.29
N ASN A 294 -11.39 12.41 2.03
CA ASN A 294 -12.00 13.65 1.55
C ASN A 294 -11.07 14.85 1.71
N VAL A 295 -9.76 14.63 1.78
CA VAL A 295 -8.82 15.74 1.88
C VAL A 295 -7.67 15.54 0.89
N MET A 296 -6.95 14.43 0.98
CA MET A 296 -5.75 14.29 0.16
C MET A 296 -5.21 12.88 0.21
N GLY A 297 -4.34 12.57 -0.75
CA GLY A 297 -3.50 11.38 -0.72
C GLY A 297 -2.05 11.76 -0.52
N MET A 298 -1.26 10.84 0.04
CA MET A 298 0.16 11.09 0.22
C MET A 298 0.94 9.80 0.08
N MET A 299 2.24 9.95 -0.19
CA MET A 299 3.18 8.85 -0.20
C MET A 299 4.47 9.37 0.41
N CYS A 300 4.83 8.85 1.58
CA CYS A 300 6.12 9.11 2.22
C CYS A 300 7.05 7.98 1.90
N TRP A 301 8.33 8.29 1.77
CA TRP A 301 9.30 7.27 1.41
C TRP A 301 10.64 7.58 2.04
N SER A 302 11.15 6.64 2.80
CA SER A 302 12.51 6.70 3.29
C SER A 302 12.90 5.27 3.60
N PRO A 303 13.87 4.69 2.88
CA PRO A 303 14.13 3.24 2.97
C PRO A 303 14.49 2.75 4.36
N PRO A 304 14.97 3.58 5.30
CA PRO A 304 15.27 3.01 6.63
C PRO A 304 14.00 2.65 7.39
N LEU A 305 13.92 1.38 7.83
CA LEU A 305 12.78 0.88 8.59
C LEU A 305 13.11 0.73 10.08
N ASP A 306 12.10 0.92 10.93
CA ASP A 306 12.21 0.61 12.34
C ASP A 306 11.99 -0.89 12.57
N LYS A 307 12.12 -1.29 13.83
CA LYS A 307 12.02 -2.70 14.21
C LYS A 307 10.69 -3.33 13.80
N MET A 308 9.65 -2.52 13.59
CA MET A 308 8.35 -3.03 13.15
C MET A 308 8.27 -3.19 11.64
N GLY A 309 9.20 -2.60 10.90
CA GLY A 309 9.18 -2.64 9.46
C GLY A 309 8.66 -1.39 8.78
N ASN A 310 8.54 -0.28 9.50
CA ASN A 310 8.00 0.96 8.94
C ASN A 310 9.08 2.02 8.75
N SER A 311 8.91 2.83 7.71
CA SER A 311 9.77 3.96 7.42
C SER A 311 9.87 4.86 8.64
N VAL A 312 11.06 4.92 9.25
CA VAL A 312 11.30 5.73 10.44
C VAL A 312 10.95 7.19 10.20
N LYS A 313 11.35 7.73 9.06
CA LYS A 313 10.99 9.12 8.77
C LYS A 313 9.50 9.24 8.51
N GLY A 314 8.91 8.23 7.84
CA GLY A 314 7.48 8.26 7.59
C GLY A 314 6.66 8.24 8.89
N ILE A 315 6.95 7.28 9.77
CA ILE A 315 6.28 7.21 11.07
C ILE A 315 6.36 8.56 11.77
N HIS A 316 7.58 9.07 11.93
CA HIS A 316 7.75 10.38 12.56
C HIS A 316 6.89 11.43 11.88
N PHE A 317 7.03 11.56 10.56
CA PHE A 317 6.25 12.54 9.82
C PHE A 317 4.75 12.37 10.07
N CYS A 318 4.26 11.13 10.01
CA CYS A 318 2.82 10.91 10.19
C CYS A 318 2.34 11.39 11.56
N HIS A 319 3.09 11.09 12.63
CA HIS A 319 2.78 11.69 13.93
C HIS A 319 2.70 13.21 13.85
N ASP A 320 3.75 13.85 13.33
CA ASP A 320 3.80 15.30 13.32
C ASP A 320 2.65 15.90 12.51
N LEU A 321 2.25 15.23 11.43
CA LEU A 321 1.18 15.76 10.57
C LEU A 321 -0.14 15.88 11.34
N VAL A 322 -0.44 14.88 12.18
CA VAL A 322 -1.73 14.84 12.89
C VAL A 322 -1.69 15.74 14.10
N SER A 323 -0.59 15.71 14.86
CA SER A 323 -0.46 16.58 16.01
C SER A 323 -0.36 18.05 15.64
N LEU A 324 -0.28 18.37 14.34
CA LEU A 324 -0.19 19.74 13.85
C LEU A 324 -1.46 20.22 13.17
N CYS A 325 -1.98 19.48 12.19
CA CYS A 325 -3.17 19.92 11.47
C CYS A 325 -4.45 19.21 11.93
N ASN A 326 -4.40 18.45 13.02
CA ASN A 326 -5.57 17.82 13.64
C ASN A 326 -6.39 17.04 12.61
N PHE A 327 -5.69 16.19 11.86
CA PHE A 327 -6.26 15.34 10.83
C PHE A 327 -6.76 13.99 11.35
N HIS A 328 -6.54 13.69 12.64
CA HIS A 328 -6.97 12.42 13.23
C HIS A 328 -8.44 12.16 12.95
N ASN A 329 -8.76 10.91 12.66
CA ASN A 329 -10.13 10.41 12.51
C ASN A 329 -11.15 11.09 13.43
N TYR A 330 -10.77 11.34 14.70
CA TYR A 330 -11.69 11.83 15.73
C TYR A 330 -11.10 13.09 16.39
N ASP A 331 -11.13 14.23 15.67
CA ASP A 331 -10.55 15.47 16.19
C ASP A 331 -11.45 16.71 16.04
C01 ZBS B . -4.21 -20.68 17.39
C02 ZBS B . -5.30 -20.17 18.09
C03 ZBS B . -6.57 -20.22 17.53
C04 ZBS B . -6.76 -20.78 16.27
C05 ZBS B . -5.68 -21.30 15.57
C06 ZBS B . -4.41 -21.24 16.13
C07 ZBS B . -5.87 -21.92 14.19
C08 ZBS B . -4.54 -22.33 13.58
C09 ZBS B . -2.45 -21.61 12.35
C10 ZBS B . -0.19 -22.41 11.50
C11 ZBS B . 1.09 -23.14 11.11
C12 ZBS B . 1.68 -22.52 9.85
C13 ZBS B . 2.42 -21.22 10.10
C14 ZBS B . 3.47 -21.33 11.17
C15 ZBS B . 2.81 -21.80 12.45
C16 ZBS B . 2.06 -23.12 12.28
C17 ZBS B . 3.88 -21.95 13.52
C18 ZBS B . 5.46 -21.75 15.54
C19 ZBS B . 6.52 -20.06 17.02
C20 ZBS B . 7.23 -19.74 18.33
C21 ZBS B . 6.28 -20.00 19.48
C22 ZBS B . 5.10 -19.25 19.59
C23 ZBS B . 4.21 -19.49 20.63
C24 ZBS B . 4.50 -20.47 21.55
C25 ZBS B . 5.66 -21.22 21.45
C26 ZBS B . 6.55 -20.98 20.42
N01 ZBS B . -3.74 -21.35 12.93
N02 ZBS B . -0.51 -21.13 11.23
N03 ZBS B . -1.71 -20.70 11.68
N04 ZBS B . 5.68 -22.79 14.71
N05 ZBS B . 4.85 -22.89 13.64
N06 ZBS B . 6.15 -21.40 16.73
O01 ZBS B . -4.18 -23.49 13.65
O02 ZBS B . 6.24 -19.17 16.23
S01 ZBS B . -1.52 -23.06 12.38
S02 ZBS B . 4.13 -20.93 14.85
#